data_3L82
#
_entry.id   3L82
#
_cell.length_a   68.097
_cell.length_b   68.097
_cell.length_c   234.421
_cell.angle_alpha   90.00
_cell.angle_beta   90.00
_cell.angle_gamma   90.00
#
_symmetry.space_group_name_H-M   'P 43 21 2'
#
loop_
_entity.id
_entity.type
_entity.pdbx_description
1 polymer 'Telomeric repeat-binding factor 1'
2 polymer 'F-box only protein 4'
3 water water
#
loop_
_entity_poly.entity_id
_entity_poly.type
_entity_poly.pdbx_seq_one_letter_code
_entity_poly.pdbx_strand_id
1 'polypeptide(L)'
;PLGSEEEEEDAGLVAEAEAVAAGW(MSE)LDFLCLSLCRAFRDGRSEDFRRTRNSAEAIIHGLSSLTACQLRTIYICQFL
TRIAAGKTLDAQFENDERITPLESAL(MSE)IWGSIEKEHDKLHEEIQNLIKIQAIAVC(MSE)ENGNFKEAEEVFERIF
GDPNSH(MSE)PFKSKLL(MSE)IISQKDTFHSFFQHFSYNH(MSE)(MSE)EKIKSYVNYVLSEKSSTFL(MSE)KAAA
KVVESKR
;
A
2 'polypeptide(L)'
;SGAVTSFLHSLIIQNEPRFA(MSE)FGPGLEELNTSLVLSL(MSE)SSEELCPTAGLPQRQIDGIGSGVNFQLNNQHKFN
ILILYSTTRKERDRAREEHTSAVNK(MSE)FSRHNEGDDQQGSRYSVIPQIQKVCEVVDGFIYVANAEAHKRHEWQDEFS
HI(MSE)A(MSE)TDPAFGSSGRPLLVLSCISQGDVKR(MSE)PCFYLAHELHLNLLNHPWLVQDTEAETLTGFLNGIEW
ILEEVESKRAR
;
B
#
# COMPACT_ATOMS: atom_id res chain seq x y z
N ALA A 11 -5.48 5.98 -27.66
CA ALA A 11 -6.61 5.62 -26.77
C ALA A 11 -6.10 5.22 -25.38
N GLY A 12 -5.95 6.21 -24.50
CA GLY A 12 -5.47 5.96 -23.14
C GLY A 12 -6.41 5.06 -22.35
N LEU A 13 -7.51 4.67 -22.99
CA LEU A 13 -8.48 3.78 -22.37
C LEU A 13 -7.85 2.40 -22.31
N VAL A 14 -6.95 2.15 -23.26
CA VAL A 14 -6.24 0.89 -23.34
C VAL A 14 -5.41 0.71 -22.09
N ALA A 15 -4.63 1.73 -21.75
CA ALA A 15 -3.79 1.67 -20.57
C ALA A 15 -4.62 1.40 -19.33
N GLU A 16 -5.89 1.76 -19.39
CA GLU A 16 -6.79 1.55 -18.25
C GLU A 16 -7.39 0.14 -18.29
N ALA A 17 -7.43 -0.44 -19.49
CA ALA A 17 -7.94 -1.79 -19.69
C ALA A 17 -6.83 -2.78 -19.28
N GLU A 18 -5.58 -2.32 -19.33
CA GLU A 18 -4.45 -3.17 -18.96
C GLU A 18 -4.41 -3.25 -17.43
N ALA A 19 -4.86 -2.19 -16.78
CA ALA A 19 -4.88 -2.15 -15.31
C ALA A 19 -5.92 -3.16 -14.82
N VAL A 20 -7.05 -3.25 -15.51
CA VAL A 20 -8.10 -4.19 -15.13
C VAL A 20 -7.61 -5.62 -15.29
N ALA A 21 -7.10 -5.96 -16.48
CA ALA A 21 -6.60 -7.31 -16.73
C ALA A 21 -5.53 -7.67 -15.70
N ALA A 22 -4.71 -6.70 -15.33
CA ALA A 22 -3.65 -6.90 -14.33
C ALA A 22 -4.23 -7.20 -12.95
N GLY A 23 -5.31 -6.50 -12.61
CA GLY A 23 -5.96 -6.73 -11.32
C GLY A 23 -6.46 -8.17 -11.27
N TRP A 24 -6.94 -8.68 -12.41
CA TRP A 24 -7.45 -10.05 -12.48
C TRP A 24 -6.35 -11.12 -12.34
N LEU A 26 -3.45 -10.78 -10.90
CA LEU A 26 -2.91 -10.75 -9.54
C LEU A 26 -3.71 -11.64 -8.59
N ASP A 27 -5.03 -11.52 -8.61
CA ASP A 27 -5.90 -12.33 -7.75
C ASP A 27 -5.79 -13.81 -8.09
N PHE A 28 -5.61 -14.10 -9.38
CA PHE A 28 -5.51 -15.48 -9.81
C PHE A 28 -4.21 -16.14 -9.35
N LEU A 29 -3.11 -15.40 -9.39
CA LEU A 29 -1.82 -15.96 -8.98
C LEU A 29 -1.81 -16.18 -7.46
N CYS A 30 -2.39 -15.27 -6.70
CA CYS A 30 -2.46 -15.41 -5.26
C CYS A 30 -3.16 -16.71 -4.86
N LEU A 31 -4.35 -16.91 -5.43
CA LEU A 31 -5.17 -18.11 -5.18
C LEU A 31 -4.42 -19.38 -5.56
N SER A 32 -3.59 -19.30 -6.60
CA SER A 32 -2.85 -20.46 -7.05
C SER A 32 -1.63 -20.70 -6.14
N LEU A 33 -1.11 -19.63 -5.55
CA LEU A 33 0.03 -19.75 -4.66
C LEU A 33 -0.44 -20.37 -3.34
N CYS A 34 -1.62 -19.95 -2.88
CA CYS A 34 -2.19 -20.48 -1.66
C CYS A 34 -2.43 -21.99 -1.77
N ARG A 35 -2.83 -22.47 -2.94
CA ARG A 35 -3.08 -23.89 -3.16
C ARG A 35 -1.80 -24.71 -3.16
N ALA A 36 -0.73 -24.16 -3.72
CA ALA A 36 0.51 -24.89 -3.74
C ALA A 36 1.03 -25.01 -2.29
N PHE A 37 0.81 -23.97 -1.49
CA PHE A 37 1.23 -23.96 -0.09
C PHE A 37 0.54 -25.05 0.72
N ARG A 38 -0.78 -25.15 0.55
CA ARG A 38 -1.57 -26.16 1.26
C ARG A 38 -1.25 -27.60 0.85
N ASP A 39 -1.03 -27.84 -0.45
CA ASP A 39 -0.73 -29.20 -0.92
C ASP A 39 0.73 -29.67 -0.89
N GLY A 40 1.67 -28.80 -0.57
CA GLY A 40 3.06 -29.22 -0.51
C GLY A 40 3.77 -29.35 -1.86
N ARG A 41 3.36 -28.56 -2.84
CA ARG A 41 3.99 -28.63 -4.15
C ARG A 41 5.04 -27.54 -4.28
N SER A 42 6.24 -27.84 -3.81
CA SER A 42 7.35 -26.89 -3.83
C SER A 42 7.68 -26.29 -5.19
N GLU A 43 7.82 -27.12 -6.21
CA GLU A 43 8.14 -26.59 -7.52
C GLU A 43 7.02 -25.76 -8.13
N ASP A 44 5.77 -26.07 -7.79
CA ASP A 44 4.66 -25.27 -8.33
C ASP A 44 4.69 -23.91 -7.64
N PHE A 45 5.00 -23.92 -6.34
CA PHE A 45 5.06 -22.72 -5.54
C PHE A 45 6.11 -21.75 -6.09
N ARG A 46 7.28 -22.28 -6.41
CA ARG A 46 8.36 -21.48 -6.96
C ARG A 46 8.04 -20.80 -8.29
N ARG A 47 7.40 -21.52 -9.21
CA ARG A 47 7.05 -20.98 -10.52
C ARG A 47 5.96 -19.91 -10.43
N THR A 48 4.95 -20.15 -9.60
CA THR A 48 3.87 -19.21 -9.43
C THR A 48 4.38 -17.98 -8.71
N ARG A 49 5.44 -18.16 -7.92
CA ARG A 49 6.05 -17.06 -7.20
C ARG A 49 6.76 -16.12 -8.18
N ASN A 50 7.46 -16.69 -9.17
CA ASN A 50 8.20 -15.88 -10.16
C ASN A 50 7.25 -15.13 -11.10
N SER A 51 6.08 -15.71 -11.37
CA SER A 51 5.10 -15.06 -12.23
C SER A 51 4.53 -13.87 -11.49
N ALA A 52 4.21 -14.07 -10.21
CA ALA A 52 3.64 -13.02 -9.36
C ALA A 52 4.61 -11.84 -9.13
N GLU A 53 5.88 -12.17 -9.00
CA GLU A 53 6.92 -11.16 -8.80
C GLU A 53 6.97 -10.19 -9.98
N ALA A 54 6.98 -10.74 -11.18
CA ALA A 54 7.05 -9.91 -12.37
C ALA A 54 5.77 -9.08 -12.54
N ILE A 55 4.61 -9.74 -12.41
CA ILE A 55 3.33 -9.03 -12.54
C ILE A 55 3.26 -7.83 -11.57
N ILE A 56 3.78 -8.00 -10.35
CA ILE A 56 3.78 -6.90 -9.38
C ILE A 56 4.66 -5.75 -9.87
N HIS A 57 5.80 -6.09 -10.48
CA HIS A 57 6.73 -5.08 -11.00
C HIS A 57 6.13 -4.30 -12.16
N GLY A 58 5.19 -4.91 -12.88
CA GLY A 58 4.58 -4.24 -14.02
C GLY A 58 3.33 -3.41 -13.77
N LEU A 59 2.84 -3.41 -12.53
CA LEU A 59 1.63 -2.65 -12.20
C LEU A 59 1.83 -1.14 -12.36
N SER A 60 0.82 -0.47 -12.91
CA SER A 60 0.89 0.97 -13.11
C SER A 60 0.08 1.77 -12.07
N SER A 61 -0.69 1.06 -11.25
CA SER A 61 -1.50 1.68 -10.21
C SER A 61 -1.72 0.70 -9.06
N LEU A 62 -2.21 1.19 -7.92
CA LEU A 62 -2.39 0.32 -6.78
C LEU A 62 -3.42 0.81 -5.77
N THR A 63 -4.19 -0.10 -5.18
CA THR A 63 -5.19 0.23 -4.15
C THR A 63 -4.86 -0.58 -2.89
N ALA A 64 -5.55 -0.29 -1.78
CA ALA A 64 -5.33 -1.00 -0.51
C ALA A 64 -5.67 -2.50 -0.62
N CYS A 65 -6.64 -2.81 -1.46
CA CYS A 65 -7.07 -4.18 -1.68
C CYS A 65 -6.00 -5.00 -2.38
N GLN A 66 -5.39 -4.42 -3.39
CA GLN A 66 -4.34 -5.11 -4.14
C GLN A 66 -3.08 -5.20 -3.28
N LEU A 67 -2.83 -4.18 -2.47
CA LEU A 67 -1.67 -4.20 -1.58
C LEU A 67 -1.77 -5.34 -0.57
N ARG A 68 -2.97 -5.58 -0.04
CA ARG A 68 -3.18 -6.64 0.95
C ARG A 68 -2.94 -8.01 0.30
N THR A 69 -3.40 -8.15 -0.94
CA THR A 69 -3.20 -9.39 -1.69
C THR A 69 -1.71 -9.64 -1.88
N ILE A 70 -0.94 -8.57 -2.08
CA ILE A 70 0.50 -8.72 -2.27
C ILE A 70 1.16 -9.16 -0.96
N TYR A 71 0.76 -8.53 0.15
CA TYR A 71 1.30 -8.87 1.47
C TYR A 71 1.05 -10.37 1.81
N ILE A 72 -0.10 -10.89 1.42
CA ILE A 72 -0.40 -12.29 1.69
C ILE A 72 0.61 -13.19 0.99
N CYS A 73 0.91 -12.92 -0.27
CA CYS A 73 1.90 -13.71 -1.01
C CYS A 73 3.29 -13.63 -0.34
N GLN A 74 3.66 -12.44 0.12
CA GLN A 74 4.95 -12.23 0.79
C GLN A 74 5.06 -13.05 2.09
N PHE A 75 3.98 -13.04 2.88
CA PHE A 75 3.94 -13.79 4.15
C PHE A 75 4.24 -15.28 3.89
N LEU A 76 3.55 -15.88 2.93
CA LEU A 76 3.75 -17.29 2.61
C LEU A 76 5.18 -17.64 2.19
N THR A 77 5.85 -16.75 1.45
CA THR A 77 7.22 -17.03 1.01
C THR A 77 8.18 -17.06 2.20
N ARG A 78 7.87 -16.29 3.24
CA ARG A 78 8.75 -16.26 4.41
C ARG A 78 8.51 -17.51 5.26
N ILE A 79 7.25 -17.91 5.41
CA ILE A 79 6.93 -19.09 6.21
C ILE A 79 7.56 -20.34 5.61
N ALA A 80 7.53 -20.43 4.29
CA ALA A 80 8.08 -21.57 3.59
C ALA A 80 9.58 -21.73 3.84
N ALA A 81 10.23 -20.66 4.29
CA ALA A 81 11.66 -20.70 4.58
C ALA A 81 11.94 -20.50 6.07
N GLY A 82 10.93 -20.74 6.89
CA GLY A 82 11.06 -20.58 8.33
C GLY A 82 12.26 -21.22 9.00
N LYS A 83 12.65 -22.41 8.55
CA LYS A 83 13.80 -23.11 9.13
C LYS A 83 15.13 -22.87 8.42
N THR A 84 15.11 -22.12 7.31
CA THR A 84 16.34 -21.80 6.59
C THR A 84 16.96 -20.54 7.22
N LEU A 85 17.54 -20.71 8.41
CA LEU A 85 18.15 -19.65 9.20
C LEU A 85 19.03 -18.58 8.57
N ASP A 86 19.79 -18.92 7.53
CA ASP A 86 20.66 -17.91 6.95
C ASP A 86 20.14 -17.18 5.71
N ALA A 87 18.91 -17.47 5.29
CA ALA A 87 18.36 -16.78 4.13
C ALA A 87 18.04 -15.36 4.59
N GLN A 88 18.20 -14.39 3.71
CA GLN A 88 17.92 -12.99 4.06
C GLN A 88 16.83 -12.42 3.14
N PHE A 89 15.80 -11.85 3.73
CA PHE A 89 14.68 -11.29 2.97
C PHE A 89 14.61 -9.76 3.00
N GLU A 90 15.30 -9.14 3.96
CA GLU A 90 15.26 -7.68 4.09
C GLU A 90 16.64 -7.00 3.96
N ASN A 91 16.65 -5.77 3.46
CA ASN A 91 17.89 -5.02 3.29
C ASN A 91 18.78 -5.08 4.51
N ASP A 92 18.18 -5.25 5.68
CA ASP A 92 18.93 -5.38 6.92
C ASP A 92 19.27 -6.88 7.06
N GLU A 93 20.55 -7.21 6.97
CA GLU A 93 21.00 -8.61 7.02
C GLU A 93 20.78 -9.38 8.30
N ARG A 94 20.44 -8.70 9.39
CA ARG A 94 20.25 -9.37 10.67
C ARG A 94 18.88 -10.06 10.83
N ILE A 95 17.89 -9.62 10.06
CA ILE A 95 16.55 -10.18 10.16
C ILE A 95 16.41 -11.60 9.59
N THR A 96 15.93 -12.52 10.42
CA THR A 96 15.72 -13.90 10.02
C THR A 96 14.35 -14.03 9.34
N PRO A 97 14.11 -15.13 8.62
CA PRO A 97 12.83 -15.34 7.93
C PRO A 97 11.59 -15.19 8.82
N LEU A 98 11.61 -15.78 10.01
CA LEU A 98 10.43 -15.65 10.88
C LEU A 98 10.24 -14.23 11.39
N GLU A 99 11.31 -13.48 11.58
CA GLU A 99 11.15 -12.09 12.03
C GLU A 99 10.55 -11.27 10.89
N SER A 100 10.88 -11.68 9.66
CA SER A 100 10.36 -11.01 8.48
C SER A 100 8.88 -11.32 8.32
N ALA A 101 8.49 -12.57 8.56
CA ALA A 101 7.08 -12.96 8.46
C ALA A 101 6.25 -12.18 9.46
N LEU A 102 6.78 -12.03 10.67
CA LEU A 102 6.08 -11.29 11.73
C LEU A 102 5.84 -9.80 11.37
N ILE A 104 5.49 -8.57 8.30
CA ILE A 104 4.47 -8.59 7.27
C ILE A 104 3.09 -8.86 7.88
N TRP A 105 3.03 -9.76 8.87
CA TRP A 105 1.76 -10.12 9.48
C TRP A 105 1.19 -8.94 10.24
N GLY A 106 2.07 -8.05 10.71
CA GLY A 106 1.61 -6.87 11.41
C GLY A 106 1.02 -5.85 10.45
N SER A 107 1.36 -5.96 9.17
CA SER A 107 0.84 -5.02 8.16
C SER A 107 -0.47 -5.47 7.49
N ILE A 108 -0.83 -6.73 7.62
CA ILE A 108 -2.05 -7.23 7.01
C ILE A 108 -3.21 -6.89 7.94
N GLU A 109 -4.12 -6.04 7.46
CA GLU A 109 -5.25 -5.64 8.27
C GLU A 109 -6.08 -6.85 8.69
N LYS A 110 -6.35 -6.93 9.99
CA LYS A 110 -7.09 -8.05 10.57
C LYS A 110 -8.51 -8.23 10.05
N GLU A 111 -8.89 -9.49 9.87
CA GLU A 111 -10.21 -9.86 9.41
C GLU A 111 -10.84 -10.74 10.49
N HIS A 112 -10.01 -11.59 11.10
CA HIS A 112 -10.45 -12.48 12.17
C HIS A 112 -9.54 -12.21 13.36
N ASP A 113 -9.93 -11.24 14.19
CA ASP A 113 -9.13 -10.86 15.35
C ASP A 113 -8.51 -11.98 16.18
N LYS A 114 -9.33 -12.95 16.59
CA LYS A 114 -8.84 -14.05 17.41
C LYS A 114 -7.72 -14.83 16.77
N LEU A 115 -7.99 -15.42 15.62
CA LEU A 115 -7.00 -16.19 14.89
C LEU A 115 -5.72 -15.39 14.60
N HIS A 116 -5.87 -14.11 14.23
CA HIS A 116 -4.73 -13.26 13.92
C HIS A 116 -3.77 -13.17 15.10
N GLU A 117 -4.32 -12.94 16.29
CA GLU A 117 -3.51 -12.83 17.50
C GLU A 117 -2.86 -14.16 17.88
N GLU A 118 -3.52 -15.27 17.58
CA GLU A 118 -2.97 -16.58 17.90
C GLU A 118 -1.76 -16.87 17.02
N ILE A 119 -1.90 -16.61 15.73
CA ILE A 119 -0.82 -16.82 14.78
C ILE A 119 0.39 -15.93 15.14
N GLN A 120 0.10 -14.71 15.58
CA GLN A 120 1.14 -13.77 15.96
C GLN A 120 1.96 -14.28 17.14
N ASN A 121 1.29 -14.72 18.19
CA ASN A 121 2.00 -15.24 19.35
C ASN A 121 2.83 -16.48 19.00
N LEU A 122 2.32 -17.37 18.14
CA LEU A 122 3.06 -18.59 17.77
C LEU A 122 4.31 -18.28 16.92
N ILE A 123 4.25 -17.25 16.08
CA ILE A 123 5.41 -16.87 15.27
C ILE A 123 6.52 -16.27 16.15
N LYS A 124 6.15 -15.45 17.12
CA LYS A 124 7.13 -14.84 18.02
C LYS A 124 7.90 -15.92 18.78
N ILE A 125 7.19 -16.98 19.18
CA ILE A 125 7.80 -18.08 19.93
C ILE A 125 8.74 -18.93 19.11
N GLN A 126 8.30 -19.32 17.90
CA GLN A 126 9.10 -20.15 17.02
C GLN A 126 10.35 -19.46 16.47
N ALA A 127 10.26 -18.15 16.28
CA ALA A 127 11.38 -17.36 15.76
C ALA A 127 12.61 -17.58 16.66
N ILE A 128 12.37 -17.81 17.95
CA ILE A 128 13.44 -18.07 18.92
C ILE A 128 13.75 -19.57 19.01
N ALA A 129 12.69 -20.37 18.99
CA ALA A 129 12.82 -21.82 19.08
C ALA A 129 13.71 -22.41 17.98
N VAL A 130 13.50 -21.99 16.73
CA VAL A 130 14.32 -22.52 15.64
C VAL A 130 15.80 -22.24 15.85
N CYS A 131 16.12 -21.16 16.56
CA CYS A 131 17.52 -20.85 16.85
C CYS A 131 18.01 -21.76 17.97
N GLU A 133 16.92 -24.76 18.95
CA GLU A 133 17.02 -26.17 18.57
C GLU A 133 18.14 -26.48 17.58
N ASN A 134 18.76 -25.45 17.03
CA ASN A 134 19.85 -25.65 16.09
C ASN A 134 21.19 -25.45 16.83
N GLY A 135 21.10 -24.91 18.05
CA GLY A 135 22.29 -24.67 18.85
C GLY A 135 22.86 -23.28 18.73
N ASN A 136 22.05 -22.34 18.23
CA ASN A 136 22.49 -20.95 18.07
C ASN A 136 21.97 -20.09 19.21
N PHE A 137 22.50 -20.35 20.41
CA PHE A 137 22.10 -19.63 21.61
C PHE A 137 22.30 -18.13 21.50
N LYS A 138 23.38 -17.72 20.83
CA LYS A 138 23.68 -16.31 20.65
C LYS A 138 22.67 -15.61 19.75
N GLU A 139 22.34 -16.23 18.62
CA GLU A 139 21.39 -15.63 17.70
C GLU A 139 20.00 -15.50 18.32
N ALA A 140 19.56 -16.54 19.02
CA ALA A 140 18.25 -16.51 19.69
C ALA A 140 18.17 -15.28 20.59
N GLU A 141 19.28 -14.99 21.27
CA GLU A 141 19.38 -13.85 22.17
C GLU A 141 19.25 -12.54 21.38
N GLU A 142 19.81 -12.52 20.18
CA GLU A 142 19.74 -11.34 19.32
C GLU A 142 18.30 -11.16 18.80
N VAL A 143 17.63 -12.26 18.49
CA VAL A 143 16.27 -12.21 17.99
C VAL A 143 15.34 -11.72 19.10
N PHE A 144 15.56 -12.24 20.30
CA PHE A 144 14.77 -11.87 21.45
C PHE A 144 14.84 -10.36 21.71
N GLU A 145 16.06 -9.82 21.62
CA GLU A 145 16.29 -8.40 21.85
C GLU A 145 15.58 -7.55 20.80
N ARG A 146 15.55 -8.02 19.56
CA ARG A 146 14.89 -7.29 18.48
C ARG A 146 13.35 -7.34 18.50
N ILE A 147 12.78 -8.37 19.14
CA ILE A 147 11.32 -8.54 19.21
C ILE A 147 10.67 -7.98 20.48
N PHE A 148 11.24 -8.33 21.64
CA PHE A 148 10.72 -7.89 22.92
C PHE A 148 11.56 -6.75 23.51
N GLY A 149 12.74 -6.55 22.93
CA GLY A 149 13.65 -5.50 23.40
C GLY A 149 13.05 -4.11 23.40
N ASP A 150 12.42 -3.76 24.50
CA ASP A 150 11.78 -2.46 24.67
C ASP A 150 11.05 -2.48 26.00
N PRO A 151 11.52 -1.66 26.96
CA PRO A 151 10.88 -1.61 28.28
C PRO A 151 9.40 -1.21 28.20
N ASN A 152 8.54 -2.20 27.97
CA ASN A 152 7.09 -2.00 27.87
C ASN A 152 6.35 -3.34 27.95
N SER A 153 5.03 -3.31 28.14
CA SER A 153 4.22 -4.52 28.26
C SER A 153 3.52 -5.04 26.95
N HIS A 154 4.14 -6.01 26.20
CA HIS A 154 3.63 -6.67 24.92
C HIS A 154 3.81 -8.21 24.86
N PRO A 156 2.53 -11.55 26.60
CA PRO A 156 2.95 -11.79 27.97
C PRO A 156 3.92 -12.91 28.19
N PHE A 157 4.40 -13.53 27.12
CA PHE A 157 5.34 -14.68 27.26
C PHE A 157 6.80 -14.23 27.45
N LYS A 158 7.02 -12.92 27.48
CA LYS A 158 8.35 -12.33 27.62
C LYS A 158 9.20 -12.89 28.77
N SER A 159 8.62 -12.97 29.98
CA SER A 159 9.37 -13.48 31.13
C SER A 159 9.79 -14.93 30.95
N LYS A 160 8.91 -15.75 30.37
CA LYS A 160 9.19 -17.17 30.15
C LYS A 160 10.34 -17.38 29.17
N LEU A 161 10.24 -16.74 28.01
CA LEU A 161 11.27 -16.87 26.98
C LEU A 161 12.63 -16.31 27.40
N LEU A 162 12.63 -15.32 28.29
CA LEU A 162 13.88 -14.74 28.74
C LEU A 162 14.62 -15.80 29.58
N ILE A 164 14.22 -19.11 29.45
CA ILE A 164 14.62 -20.17 28.53
C ILE A 164 15.94 -19.83 27.84
N ILE A 165 16.11 -18.55 27.51
CA ILE A 165 17.33 -18.12 26.85
C ILE A 165 18.56 -18.17 27.77
N SER A 166 18.42 -17.63 28.98
CA SER A 166 19.50 -17.64 29.95
C SER A 166 20.03 -19.06 30.12
N GLN A 167 19.15 -19.99 30.49
CA GLN A 167 19.54 -21.38 30.65
C GLN A 167 19.78 -21.91 29.25
N LYS A 168 20.96 -21.61 28.72
CA LYS A 168 21.35 -22.01 27.37
C LYS A 168 21.22 -23.48 27.04
N ASP A 169 20.00 -23.90 26.75
CA ASP A 169 19.68 -25.28 26.39
C ASP A 169 18.23 -25.32 25.90
N THR A 170 17.97 -26.08 24.85
CA THR A 170 16.62 -26.19 24.31
C THR A 170 15.63 -26.59 25.40
N PHE A 171 14.77 -25.65 25.80
CA PHE A 171 13.77 -25.92 26.82
C PHE A 171 12.58 -26.56 26.10
N HIS A 172 12.77 -27.81 25.68
CA HIS A 172 11.74 -28.55 24.96
C HIS A 172 10.39 -28.49 25.65
N SER A 173 10.40 -28.64 26.98
CA SER A 173 9.18 -28.63 27.78
C SER A 173 8.14 -27.59 27.32
N PHE A 174 8.59 -26.36 27.10
CA PHE A 174 7.71 -25.27 26.68
C PHE A 174 7.44 -25.26 25.17
N PHE A 175 8.51 -25.27 24.37
CA PHE A 175 8.40 -25.25 22.91
C PHE A 175 7.59 -26.42 22.37
N GLN A 176 7.31 -27.41 23.22
CA GLN A 176 6.55 -28.58 22.82
C GLN A 176 5.06 -28.23 22.69
N HIS A 177 4.58 -27.39 23.61
CA HIS A 177 3.18 -26.97 23.61
C HIS A 177 2.88 -25.79 22.67
N PHE A 178 3.90 -25.29 21.97
CA PHE A 178 3.72 -24.19 21.02
C PHE A 178 4.72 -24.45 19.90
N SER A 179 4.67 -25.66 19.36
CA SER A 179 5.59 -26.14 18.32
C SER A 179 5.40 -25.58 16.92
N TYR A 180 6.36 -25.89 16.07
CA TYR A 180 6.37 -25.48 14.67
C TYR A 180 5.13 -26.04 13.98
N ASN A 181 4.80 -27.28 14.33
CA ASN A 181 3.64 -27.96 13.77
C ASN A 181 2.33 -27.24 14.15
N HIS A 182 2.23 -26.78 15.39
CA HIS A 182 1.02 -26.07 15.83
C HIS A 182 0.91 -24.71 15.13
N GLU A 185 -0.33 -25.48 11.49
CA GLU A 185 -1.76 -25.82 11.42
C GLU A 185 -2.64 -24.57 11.43
N LYS A 186 -2.37 -23.64 12.34
CA LYS A 186 -3.15 -22.40 12.40
C LYS A 186 -2.99 -21.59 11.11
N ILE A 187 -1.78 -21.51 10.58
CA ILE A 187 -1.59 -20.75 9.36
C ILE A 187 -2.34 -21.38 8.19
N LYS A 188 -2.42 -22.70 8.17
CA LYS A 188 -3.15 -23.38 7.10
C LYS A 188 -4.67 -23.26 7.25
N SER A 189 -5.14 -22.86 8.44
CA SER A 189 -6.58 -22.67 8.62
C SER A 189 -6.92 -21.29 8.06
N TYR A 190 -5.95 -20.39 8.13
CA TYR A 190 -6.10 -19.02 7.62
C TYR A 190 -6.13 -19.06 6.08
N VAL A 191 -5.23 -19.85 5.51
CA VAL A 191 -5.13 -19.98 4.07
C VAL A 191 -6.43 -20.53 3.46
N ASN A 192 -7.20 -21.29 4.24
CA ASN A 192 -8.46 -21.84 3.75
C ASN A 192 -9.52 -20.74 3.71
N TYR A 193 -9.43 -19.79 4.64
CA TYR A 193 -10.36 -18.67 4.67
C TYR A 193 -10.07 -17.75 3.51
N VAL A 194 -8.81 -17.77 3.04
CA VAL A 194 -8.42 -16.92 1.92
C VAL A 194 -8.90 -17.59 0.63
N LEU A 195 -8.71 -18.90 0.56
CA LEU A 195 -9.13 -19.64 -0.63
C LEU A 195 -10.63 -19.53 -0.88
N SER A 196 -11.44 -19.57 0.17
CA SER A 196 -12.88 -19.48 -0.02
C SER A 196 -13.27 -18.10 -0.55
N GLU A 197 -12.71 -17.05 0.03
CA GLU A 197 -13.02 -15.69 -0.41
C GLU A 197 -12.63 -15.41 -1.87
N LYS A 198 -11.38 -15.70 -2.23
CA LYS A 198 -10.91 -15.45 -3.61
C LYS A 198 -11.39 -16.43 -4.67
N SER A 199 -11.92 -17.57 -4.26
CA SER A 199 -12.38 -18.58 -5.22
C SER A 199 -13.46 -18.07 -6.17
N SER A 200 -14.03 -16.91 -5.85
CA SER A 200 -15.07 -16.30 -6.66
C SER A 200 -14.58 -15.14 -7.54
N THR A 201 -13.28 -15.04 -7.76
CA THR A 201 -12.72 -13.97 -8.59
C THR A 201 -12.86 -14.27 -10.07
N PHE A 202 -13.01 -13.20 -10.84
CA PHE A 202 -13.22 -13.27 -12.29
C PHE A 202 -12.52 -14.38 -13.06
N LEU A 203 -11.19 -14.38 -13.09
CA LEU A 203 -10.47 -15.39 -13.86
C LEU A 203 -10.76 -16.84 -13.48
N LYS A 205 -13.45 -18.11 -11.88
CA LYS A 205 -14.83 -18.45 -12.23
C LYS A 205 -14.97 -18.73 -13.72
N ALA A 206 -14.55 -17.80 -14.56
CA ALA A 206 -14.66 -17.97 -16.00
C ALA A 206 -13.92 -19.21 -16.47
N ALA A 207 -12.78 -19.48 -15.85
CA ALA A 207 -11.96 -20.63 -16.23
C ALA A 207 -12.65 -21.96 -15.96
N ALA A 208 -13.47 -21.99 -14.91
CA ALA A 208 -14.17 -23.22 -14.55
C ALA A 208 -15.23 -23.61 -15.59
N LYS A 209 -16.02 -22.62 -16.03
CA LYS A 209 -17.07 -22.86 -17.01
C LYS A 209 -16.52 -23.57 -18.24
N VAL A 210 -15.34 -23.15 -18.70
CA VAL A 210 -14.74 -23.77 -19.88
C VAL A 210 -14.43 -25.24 -19.58
N VAL A 211 -13.91 -25.50 -18.39
CA VAL A 211 -13.57 -26.86 -17.97
C VAL A 211 -14.81 -27.74 -17.79
N GLU A 212 -15.92 -27.14 -17.38
CA GLU A 212 -17.16 -27.88 -17.18
C GLU A 212 -17.70 -28.39 -18.53
N SER A 213 -17.48 -27.63 -19.59
CA SER A 213 -17.95 -28.01 -20.91
C SER A 213 -17.14 -29.19 -21.46
N VAL B 4 -36.55 16.37 -4.71
CA VAL B 4 -35.79 16.11 -3.44
C VAL B 4 -36.55 16.71 -2.26
N THR B 5 -35.80 17.22 -1.29
CA THR B 5 -36.40 17.84 -0.12
C THR B 5 -37.00 19.19 -0.53
N SER B 6 -36.74 19.60 -1.77
CA SER B 6 -37.23 20.87 -2.29
C SER B 6 -37.61 20.78 -3.77
N PHE B 7 -38.89 20.94 -4.06
CA PHE B 7 -39.38 20.87 -5.44
C PHE B 7 -39.58 22.25 -6.09
N LEU B 8 -39.81 23.27 -5.28
CA LEU B 8 -40.06 24.61 -5.81
C LEU B 8 -39.03 25.68 -5.45
N HIS B 9 -37.99 25.30 -4.71
CA HIS B 9 -36.96 26.27 -4.33
C HIS B 9 -35.60 25.79 -4.82
N SER B 10 -34.71 26.72 -5.16
CA SER B 10 -33.38 26.35 -5.64
C SER B 10 -32.64 25.71 -4.46
N LEU B 11 -31.64 24.88 -4.76
CA LEU B 11 -30.88 24.17 -3.71
C LEU B 11 -29.63 24.88 -3.20
N ILE B 12 -29.04 24.32 -2.14
CA ILE B 12 -27.81 24.86 -1.56
C ILE B 12 -26.72 24.68 -2.60
N ILE B 13 -26.05 25.77 -2.95
CA ILE B 13 -25.01 25.75 -3.97
C ILE B 13 -23.85 24.78 -3.76
N GLN B 14 -23.46 24.13 -4.85
CA GLN B 14 -22.35 23.17 -4.85
C GLN B 14 -21.31 23.65 -5.85
N ASN B 15 -20.16 24.08 -5.35
CA ASN B 15 -19.10 24.53 -6.25
C ASN B 15 -18.24 23.34 -6.66
N GLU B 16 -17.70 23.40 -7.87
CA GLU B 16 -16.86 22.33 -8.40
C GLU B 16 -15.79 21.90 -7.40
N PRO B 17 -15.40 20.61 -7.44
CA PRO B 17 -14.38 20.02 -6.56
C PRO B 17 -13.03 20.74 -6.57
N ARG B 18 -12.45 20.92 -5.39
CA ARG B 18 -11.16 21.60 -5.26
C ARG B 18 -10.17 20.65 -4.59
N PHE B 19 -8.89 20.69 -4.99
CA PHE B 19 -7.86 19.82 -4.41
C PHE B 19 -6.57 20.58 -4.06
N ALA B 20 -5.86 20.09 -3.05
CA ALA B 20 -4.59 20.68 -2.63
C ALA B 20 -3.48 19.76 -3.20
N PHE B 22 0.74 19.06 -3.36
CA PHE B 22 2.08 19.35 -2.83
C PHE B 22 2.97 18.12 -2.96
N GLY B 23 4.26 18.27 -2.63
CA GLY B 23 5.16 17.12 -2.71
C GLY B 23 6.55 17.29 -3.32
N PRO B 24 7.51 16.44 -2.91
CA PRO B 24 8.90 16.46 -3.38
C PRO B 24 8.98 16.37 -4.90
N GLY B 25 7.96 15.79 -5.52
CA GLY B 25 7.96 15.67 -6.96
C GLY B 25 7.80 17.01 -7.65
N LEU B 26 7.42 18.05 -6.90
CA LEU B 26 7.24 19.37 -7.50
C LEU B 26 8.54 20.20 -7.55
N GLU B 27 9.67 19.60 -7.20
CA GLU B 27 10.93 20.33 -7.27
C GLU B 27 12.15 19.49 -7.57
N GLU B 28 12.13 18.23 -7.15
CA GLU B 28 13.27 17.35 -7.36
C GLU B 28 13.41 16.79 -8.78
N LEU B 29 12.38 16.92 -9.60
CA LEU B 29 12.43 16.38 -10.97
C LEU B 29 13.08 17.34 -11.96
N ASN B 30 13.91 16.78 -12.84
CA ASN B 30 14.60 17.54 -13.87
C ASN B 30 13.59 18.28 -14.74
N THR B 31 12.44 17.65 -15.00
CA THR B 31 11.38 18.25 -15.82
C THR B 31 10.21 18.65 -14.91
N SER B 32 9.77 19.90 -15.02
CA SER B 32 8.66 20.43 -14.20
C SER B 32 7.28 19.90 -14.62
N LEU B 33 6.55 19.35 -13.64
CA LEU B 33 5.20 18.80 -13.86
C LEU B 33 4.20 19.93 -14.05
N VAL B 34 4.29 20.97 -13.23
CA VAL B 34 3.36 22.09 -13.33
C VAL B 34 3.45 22.84 -14.67
N LEU B 35 4.66 22.96 -15.23
CA LEU B 35 4.82 23.66 -16.51
C LEU B 35 4.13 22.90 -17.62
N SER B 36 4.33 21.58 -17.65
CA SER B 36 3.70 20.79 -18.69
C SER B 36 2.18 20.81 -18.55
N LEU B 37 1.69 20.85 -17.32
CA LEU B 37 0.24 20.89 -17.09
C LEU B 37 -0.29 22.20 -17.65
N SER B 39 1.46 24.61 -19.71
CA SER B 39 1.82 24.74 -21.11
C SER B 39 1.32 23.62 -22.07
N SER B 40 0.06 23.15 -21.93
CA SER B 40 -0.49 22.06 -22.78
C SER B 40 -2.05 22.00 -22.79
N GLU B 41 -2.68 21.12 -23.60
CA GLU B 41 -4.19 20.96 -23.64
C GLU B 41 -4.90 19.53 -23.59
N GLU B 42 -6.24 19.58 -23.75
CA GLU B 42 -7.32 18.53 -23.66
C GLU B 42 -7.79 18.99 -22.27
N LEU B 43 -6.85 19.63 -21.60
CA LEU B 43 -7.06 20.24 -20.32
C LEU B 43 -7.09 21.75 -20.63
N CYS B 44 -8.05 22.44 -20.03
CA CYS B 44 -8.20 23.86 -20.26
C CYS B 44 -7.87 24.69 -19.03
N PRO B 45 -6.57 24.81 -18.73
CA PRO B 45 -6.09 25.58 -17.58
C PRO B 45 -6.40 27.07 -17.71
N THR B 46 -7.08 27.59 -16.70
CA THR B 46 -7.48 29.00 -16.65
C THR B 46 -7.19 29.53 -15.24
N ALA B 47 -7.05 30.84 -15.12
CA ALA B 47 -6.80 31.44 -13.81
C ALA B 47 -8.08 31.30 -12.98
N GLY B 48 -7.93 31.27 -11.66
CA GLY B 48 -9.07 31.13 -10.79
C GLY B 48 -9.80 32.45 -10.58
N LEU B 49 -11.08 32.36 -10.20
CA LEU B 49 -11.89 33.55 -9.96
C LEU B 49 -11.54 34.20 -8.62
N PRO B 50 -11.38 35.53 -8.60
CA PRO B 50 -11.05 36.28 -7.38
C PRO B 50 -11.99 35.98 -6.20
N GLN B 51 -13.24 35.65 -6.52
CA GLN B 51 -14.20 35.34 -5.47
C GLN B 51 -13.75 34.12 -4.67
N ARG B 52 -13.20 33.13 -5.37
CA ARG B 52 -12.73 31.91 -4.75
C ARG B 52 -11.37 32.06 -4.07
N GLN B 53 -10.96 33.31 -3.83
CA GLN B 53 -9.68 33.58 -3.20
C GLN B 53 -9.56 33.04 -1.78
N ILE B 54 -8.40 32.48 -1.46
CA ILE B 54 -8.15 31.95 -0.13
C ILE B 54 -6.96 32.68 0.48
N ASP B 55 -7.27 33.81 1.10
CA ASP B 55 -6.31 34.68 1.76
C ASP B 55 -4.84 34.29 1.67
N GLY B 56 -4.06 35.15 1.03
CA GLY B 56 -2.64 34.92 0.88
C GLY B 56 -2.23 33.74 0.01
N ILE B 57 -3.22 33.04 -0.55
CA ILE B 57 -2.95 31.88 -1.39
C ILE B 57 -3.40 32.06 -2.83
N GLY B 58 -4.61 32.57 -3.01
CA GLY B 58 -5.13 32.79 -4.34
C GLY B 58 -6.36 31.95 -4.61
N SER B 59 -6.75 31.83 -5.87
CA SER B 59 -7.92 31.04 -6.24
C SER B 59 -7.59 29.80 -7.09
N GLY B 60 -6.30 29.47 -7.18
CA GLY B 60 -5.86 28.29 -7.91
C GLY B 60 -6.01 28.30 -9.42
N VAL B 61 -5.84 27.12 -10.02
CA VAL B 61 -5.92 26.92 -11.47
C VAL B 61 -7.11 26.01 -11.80
N ASN B 62 -7.83 26.34 -12.87
CA ASN B 62 -8.99 25.56 -13.31
C ASN B 62 -8.68 24.62 -14.48
N PHE B 63 -9.28 23.44 -14.45
CA PHE B 63 -9.09 22.46 -15.52
C PHE B 63 -10.45 21.82 -15.80
N GLN B 64 -10.46 20.94 -16.78
CA GLN B 64 -11.67 20.22 -17.15
C GLN B 64 -11.27 19.01 -17.98
N LEU B 65 -12.13 18.00 -17.99
CA LEU B 65 -11.87 16.79 -18.76
C LEU B 65 -12.52 16.89 -20.14
N ASN B 66 -13.77 17.36 -20.19
CA ASN B 66 -14.49 17.45 -21.45
C ASN B 66 -15.66 18.44 -21.47
N ASN B 67 -15.47 19.61 -20.89
CA ASN B 67 -16.52 20.65 -20.86
C ASN B 67 -17.64 20.32 -19.87
N GLN B 68 -17.85 19.03 -19.63
CA GLN B 68 -18.89 18.59 -18.71
C GLN B 68 -18.31 18.04 -17.41
N HIS B 69 -17.01 18.27 -17.20
CA HIS B 69 -16.33 17.80 -16.00
C HIS B 69 -15.21 18.75 -15.58
N LYS B 70 -15.50 19.61 -14.60
CA LYS B 70 -14.52 20.59 -14.14
C LYS B 70 -14.10 20.43 -12.69
N PHE B 71 -12.85 20.83 -12.40
CA PHE B 71 -12.27 20.78 -11.06
C PHE B 71 -11.24 21.92 -10.92
N ASN B 72 -10.87 22.24 -9.68
CA ASN B 72 -9.92 23.32 -9.37
C ASN B 72 -8.75 22.80 -8.51
N ILE B 73 -7.54 23.33 -8.71
CA ILE B 73 -6.40 22.88 -7.94
C ILE B 73 -5.55 23.99 -7.33
N LEU B 74 -5.25 23.87 -6.04
CA LEU B 74 -4.42 24.83 -5.32
C LEU B 74 -3.01 24.23 -5.16
N ILE B 75 -2.07 24.75 -5.93
CA ILE B 75 -0.69 24.27 -5.90
C ILE B 75 0.10 24.97 -4.80
N LEU B 76 0.81 24.18 -3.99
CA LEU B 76 1.60 24.71 -2.88
C LEU B 76 3.05 24.23 -2.89
N TYR B 77 4.01 25.15 -2.89
CA TYR B 77 5.40 24.75 -2.90
C TYR B 77 6.08 24.91 -1.53
N SER B 78 5.30 24.82 -0.45
CA SER B 78 5.85 24.95 0.89
C SER B 78 4.81 24.56 1.94
N THR B 79 5.14 23.56 2.76
CA THR B 79 4.25 23.05 3.80
C THR B 79 2.87 22.73 3.25
N PRO B 117 -0.46 28.28 8.96
CA PRO B 117 -1.46 29.25 9.42
C PRO B 117 -2.56 29.51 8.40
N GLN B 118 -2.18 29.69 7.15
CA GLN B 118 -3.14 29.93 6.08
C GLN B 118 -3.55 28.64 5.39
N ILE B 119 -2.57 27.76 5.17
CA ILE B 119 -2.80 26.48 4.51
C ILE B 119 -3.93 25.69 5.16
N GLN B 120 -4.10 25.87 6.47
CA GLN B 120 -5.13 25.17 7.23
C GLN B 120 -6.52 25.42 6.64
N LYS B 121 -6.77 26.66 6.20
CA LYS B 121 -8.06 26.99 5.63
C LYS B 121 -8.24 26.18 4.35
N VAL B 122 -7.13 25.85 3.70
CA VAL B 122 -7.16 25.05 2.48
C VAL B 122 -7.60 23.64 2.85
N CYS B 123 -6.92 23.08 3.86
CA CYS B 123 -7.21 21.73 4.35
C CYS B 123 -8.68 21.54 4.72
N GLU B 124 -9.39 22.65 4.92
CA GLU B 124 -10.80 22.60 5.30
C GLU B 124 -11.77 22.75 4.13
N VAL B 125 -11.46 23.67 3.22
CA VAL B 125 -12.33 23.93 2.07
C VAL B 125 -12.19 22.89 0.96
N VAL B 126 -10.97 22.36 0.83
CA VAL B 126 -10.66 21.37 -0.19
C VAL B 126 -11.40 20.05 -0.01
N ASP B 127 -11.72 19.40 -1.12
CA ASP B 127 -12.42 18.12 -1.12
C ASP B 127 -11.49 16.90 -1.14
N GLY B 128 -10.25 17.11 -1.60
CA GLY B 128 -9.28 16.03 -1.68
C GLY B 128 -7.83 16.48 -1.74
N PHE B 129 -6.92 15.55 -1.49
CA PHE B 129 -5.48 15.86 -1.50
C PHE B 129 -4.73 15.12 -2.63
N ILE B 130 -3.68 15.76 -3.14
CA ILE B 130 -2.85 15.17 -4.21
C ILE B 130 -1.37 15.29 -3.84
N TYR B 131 -0.73 14.16 -3.56
CA TYR B 131 0.68 14.12 -3.19
C TYR B 131 1.54 13.66 -4.37
N VAL B 132 2.48 14.51 -4.79
CA VAL B 132 3.33 14.19 -5.92
C VAL B 132 4.66 13.67 -5.43
N ALA B 133 4.90 12.38 -5.65
CA ALA B 133 6.12 11.73 -5.20
C ALA B 133 7.16 11.57 -6.29
N ASN B 134 8.43 11.54 -5.86
CA ASN B 134 9.54 11.34 -6.78
C ASN B 134 9.80 9.83 -6.83
N ALA B 135 9.46 9.22 -7.96
CA ALA B 135 9.63 7.79 -8.12
C ALA B 135 10.85 7.40 -8.96
N GLU B 136 11.82 8.30 -9.08
CA GLU B 136 13.02 7.98 -9.86
C GLU B 136 13.90 7.04 -9.01
N ALA B 137 14.34 5.96 -9.64
CA ALA B 137 15.14 4.95 -8.94
C ALA B 137 16.41 5.44 -8.25
N HIS B 138 17.21 6.23 -8.95
CA HIS B 138 18.46 6.72 -8.37
C HIS B 138 18.29 7.58 -7.13
N LYS B 139 17.06 7.76 -6.66
CA LYS B 139 16.83 8.60 -5.49
C LYS B 139 16.75 7.80 -4.18
N ARG B 140 17.25 8.41 -3.11
CA ARG B 140 17.23 7.78 -1.80
C ARG B 140 16.32 8.65 -0.93
N HIS B 141 15.38 8.02 -0.24
CA HIS B 141 14.40 8.74 0.55
C HIS B 141 14.56 8.73 2.06
N GLU B 142 13.88 9.67 2.68
CA GLU B 142 13.85 9.81 4.13
C GLU B 142 12.38 9.55 4.43
N TRP B 143 11.95 8.33 4.11
CA TRP B 143 10.58 7.90 4.28
C TRP B 143 9.91 8.36 5.57
N GLN B 144 10.70 8.71 6.57
CA GLN B 144 10.13 9.15 7.84
C GLN B 144 9.50 10.54 7.74
N ASP B 145 10.21 11.48 7.13
CA ASP B 145 9.70 12.83 6.98
C ASP B 145 8.48 12.87 6.06
N GLU B 146 8.65 12.30 4.86
CA GLU B 146 7.57 12.27 3.88
C GLU B 146 6.28 11.81 4.53
N PHE B 147 6.35 10.74 5.31
CA PHE B 147 5.16 10.25 5.99
C PHE B 147 4.57 11.36 6.85
N SER B 148 5.38 11.94 7.72
CA SER B 148 4.91 12.99 8.61
C SER B 148 4.30 14.15 7.81
N HIS B 149 5.03 14.66 6.83
CA HIS B 149 4.53 15.75 6.00
C HIS B 149 3.09 15.46 5.62
N ILE B 150 2.86 14.30 5.03
CA ILE B 150 1.52 13.93 4.63
C ILE B 150 0.61 13.90 5.85
N ALA B 152 0.65 15.44 8.73
CA ALA B 152 0.24 16.77 9.16
C ALA B 152 -0.85 17.31 8.23
N THR B 154 -2.84 16.12 6.24
CA THR B 154 -4.11 15.42 6.21
C THR B 154 -4.65 14.97 7.57
N ASP B 155 -5.10 15.93 8.37
CA ASP B 155 -5.65 15.61 9.68
C ASP B 155 -7.17 15.75 9.63
N PRO B 156 -7.90 14.79 10.24
CA PRO B 156 -9.37 14.81 10.27
C PRO B 156 -9.96 15.97 11.06
N ALA B 157 -9.08 16.76 11.69
CA ALA B 157 -9.48 17.91 12.48
C ALA B 157 -9.88 19.05 11.54
N PHE B 158 -9.37 19.00 10.31
CA PHE B 158 -9.67 20.02 9.31
C PHE B 158 -10.79 19.57 8.40
N GLY B 159 -11.12 18.28 8.45
CA GLY B 159 -12.17 17.76 7.60
C GLY B 159 -12.43 16.27 7.75
N SER B 160 -13.40 15.77 6.99
CA SER B 160 -13.77 14.35 7.03
C SER B 160 -12.57 13.45 6.74
N SER B 161 -12.81 12.14 6.78
CA SER B 161 -11.75 11.17 6.51
C SER B 161 -12.14 10.33 5.30
N GLY B 162 -13.26 10.69 4.70
CA GLY B 162 -13.74 9.98 3.53
C GLY B 162 -13.18 10.69 2.31
N ARG B 163 -12.41 11.75 2.58
CA ARG B 163 -11.78 12.53 1.53
C ARG B 163 -10.58 11.76 0.98
N PRO B 164 -10.60 11.44 -0.32
CA PRO B 164 -9.55 10.69 -1.02
C PRO B 164 -8.19 11.35 -1.05
N LEU B 165 -7.16 10.52 -1.19
CA LEU B 165 -5.77 10.97 -1.27
C LEU B 165 -5.19 10.33 -2.52
N LEU B 166 -4.74 11.15 -3.47
CA LEU B 166 -4.17 10.62 -4.70
C LEU B 166 -2.66 10.81 -4.65
N VAL B 167 -1.91 9.71 -4.82
CA VAL B 167 -0.46 9.78 -4.83
C VAL B 167 0.04 9.60 -6.26
N LEU B 168 0.75 10.59 -6.77
CA LEU B 168 1.28 10.48 -8.11
C LEU B 168 2.76 10.09 -7.97
N SER B 169 3.10 8.93 -8.53
CA SER B 169 4.47 8.40 -8.53
C SER B 169 4.99 8.93 -9.84
N CYS B 170 5.76 10.02 -9.75
CA CYS B 170 6.22 10.71 -10.95
C CYS B 170 7.71 10.63 -11.30
N ILE B 171 8.00 10.70 -12.60
CA ILE B 171 9.36 10.70 -13.11
C ILE B 171 9.43 11.75 -14.25
N SER B 172 10.63 12.22 -14.61
CA SER B 172 10.79 13.24 -15.66
C SER B 172 10.28 12.80 -17.03
N GLN B 173 10.79 11.69 -17.53
CA GLN B 173 10.36 11.19 -18.83
C GLN B 173 10.49 9.68 -18.98
N GLY B 174 9.78 9.15 -19.98
CA GLY B 174 9.74 7.72 -20.26
C GLY B 174 10.99 6.87 -20.29
N ASP B 175 12.17 7.48 -20.32
CA ASP B 175 13.41 6.69 -20.35
C ASP B 175 14.19 6.75 -19.04
N VAL B 176 13.49 7.12 -17.96
CA VAL B 176 14.12 7.19 -16.65
C VAL B 176 13.75 5.96 -15.83
N LYS B 177 14.72 5.48 -15.04
CA LYS B 177 14.53 4.29 -14.20
C LYS B 177 13.60 4.58 -13.04
N ARG B 178 12.48 3.87 -13.01
CA ARG B 178 11.50 4.07 -11.95
C ARG B 178 11.31 2.95 -10.94
N PRO B 180 9.02 0.78 -8.69
CA PRO B 180 7.65 0.29 -8.76
C PRO B 180 6.71 0.86 -7.68
N CYS B 181 5.45 1.09 -8.06
CA CYS B 181 4.48 1.69 -7.14
C CYS B 181 4.19 0.89 -5.86
N PHE B 182 4.35 -0.42 -5.90
CA PHE B 182 4.13 -1.21 -4.69
C PHE B 182 5.10 -0.78 -3.60
N TYR B 183 6.38 -0.68 -3.97
CA TYR B 183 7.39 -0.30 -3.00
C TYR B 183 7.08 1.04 -2.33
N LEU B 184 6.51 1.97 -3.11
CA LEU B 184 6.16 3.30 -2.61
C LEU B 184 5.03 3.26 -1.58
N ALA B 185 3.95 2.52 -1.89
CA ALA B 185 2.84 2.42 -0.96
C ALA B 185 3.32 1.77 0.33
N HIS B 186 4.18 0.78 0.19
CA HIS B 186 4.70 0.08 1.36
C HIS B 186 5.56 0.99 2.24
N GLU B 187 6.54 1.67 1.64
CA GLU B 187 7.43 2.53 2.42
C GLU B 187 6.76 3.77 3.04
N LEU B 188 5.60 4.16 2.53
CA LEU B 188 4.91 5.33 3.06
C LEU B 188 3.82 4.98 4.07
N HIS B 189 3.62 3.68 4.33
CA HIS B 189 2.61 3.23 5.28
C HIS B 189 1.32 4.01 5.10
N LEU B 190 0.76 3.96 3.90
CA LEU B 190 -0.45 4.71 3.60
C LEU B 190 -1.69 4.31 4.45
N ASN B 191 -1.69 3.10 5.02
CA ASN B 191 -2.85 2.70 5.79
C ASN B 191 -3.00 3.39 7.14
N LEU B 192 -1.89 3.86 7.71
CA LEU B 192 -1.96 4.56 8.98
C LEU B 192 -2.75 5.87 8.90
N LEU B 193 -2.78 6.49 7.72
CA LEU B 193 -3.47 7.77 7.52
C LEU B 193 -5.00 7.72 7.55
N ASN B 194 -5.56 6.53 7.38
CA ASN B 194 -7.02 6.34 7.41
C ASN B 194 -7.84 6.94 6.28
N HIS B 195 -7.17 7.54 5.30
CA HIS B 195 -7.88 8.12 4.16
C HIS B 195 -7.85 7.15 2.98
N PRO B 196 -9.00 6.96 2.30
CA PRO B 196 -8.96 6.05 1.15
C PRO B 196 -7.91 6.59 0.18
N TRP B 197 -7.12 5.70 -0.43
CA TRP B 197 -6.05 6.15 -1.33
C TRP B 197 -5.86 5.42 -2.65
N LEU B 198 -4.97 5.97 -3.47
CA LEU B 198 -4.63 5.36 -4.76
C LEU B 198 -3.26 5.86 -5.23
N VAL B 199 -2.43 4.95 -5.74
CA VAL B 199 -1.13 5.34 -6.27
C VAL B 199 -1.20 5.12 -7.77
N GLN B 200 -0.84 6.16 -8.53
CA GLN B 200 -0.88 6.12 -9.99
C GLN B 200 0.46 6.59 -10.59
N ASP B 201 0.99 5.85 -11.57
CA ASP B 201 2.25 6.21 -12.22
C ASP B 201 2.06 7.39 -13.17
N THR B 202 2.96 8.36 -13.10
CA THR B 202 2.88 9.54 -13.94
C THR B 202 4.23 9.94 -14.59
N GLU B 203 4.14 10.62 -15.73
CA GLU B 203 5.30 11.12 -16.48
C GLU B 203 5.13 12.64 -16.66
N ALA B 204 6.10 13.41 -16.18
CA ALA B 204 6.03 14.87 -16.27
C ALA B 204 5.98 15.46 -17.69
N GLU B 205 6.75 14.89 -18.62
CA GLU B 205 6.79 15.43 -19.98
C GLU B 205 5.58 15.17 -20.88
N THR B 206 5.02 13.97 -20.80
CA THR B 206 3.86 13.62 -21.62
C THR B 206 2.55 13.58 -20.83
N LEU B 207 2.64 13.64 -19.50
CA LEU B 207 1.47 13.62 -18.63
C LEU B 207 0.75 12.27 -18.65
N THR B 208 1.46 11.21 -19.02
CA THR B 208 0.86 9.89 -19.07
C THR B 208 0.46 9.49 -17.66
N GLY B 209 -0.76 8.98 -17.52
CA GLY B 209 -1.23 8.59 -16.21
C GLY B 209 -1.99 9.67 -15.45
N PHE B 210 -1.74 10.94 -15.77
CA PHE B 210 -2.42 12.03 -15.08
C PHE B 210 -3.95 11.95 -15.17
N LEU B 211 -4.46 11.71 -16.37
CA LEU B 211 -5.90 11.60 -16.59
C LEU B 211 -6.55 10.52 -15.74
N ASN B 212 -6.07 9.27 -15.89
CA ASN B 212 -6.63 8.15 -15.14
C ASN B 212 -6.63 8.41 -13.64
N GLY B 213 -5.64 9.15 -13.16
CA GLY B 213 -5.59 9.47 -11.74
C GLY B 213 -6.65 10.48 -11.36
N ILE B 214 -6.74 11.58 -12.10
CA ILE B 214 -7.72 12.62 -11.84
C ILE B 214 -9.14 12.03 -11.88
N GLU B 215 -9.41 11.24 -12.91
CA GLU B 215 -10.71 10.58 -13.08
C GLU B 215 -11.13 9.77 -11.85
N TRP B 216 -10.16 9.15 -11.19
CA TRP B 216 -10.44 8.35 -10.00
C TRP B 216 -10.87 9.18 -8.80
N ILE B 217 -10.11 10.21 -8.49
CA ILE B 217 -10.42 11.04 -7.33
C ILE B 217 -11.70 11.86 -7.55
N LEU B 218 -12.13 12.02 -8.79
CA LEU B 218 -13.37 12.75 -9.07
C LEU B 218 -14.59 11.91 -8.71
N GLU B 219 -14.39 10.61 -8.51
CA GLU B 219 -15.47 9.71 -8.16
C GLU B 219 -15.65 9.56 -6.66
N GLU B 220 -14.55 9.65 -5.92
CA GLU B 220 -14.62 9.55 -4.47
C GLU B 220 -15.25 10.84 -3.98
N VAL B 221 -15.50 11.74 -4.94
CA VAL B 221 -16.13 13.03 -4.68
C VAL B 221 -17.64 12.89 -4.86
N GLU B 222 -18.04 12.17 -5.90
CA GLU B 222 -19.46 11.93 -6.17
C GLU B 222 -19.96 10.83 -5.25
N SER B 223 -19.06 10.37 -4.38
CA SER B 223 -19.36 9.33 -3.40
C SER B 223 -19.81 10.05 -2.14
N LYS B 224 -19.64 11.37 -2.16
CA LYS B 224 -20.02 12.22 -1.03
C LYS B 224 -21.29 12.98 -1.38
#